data_7X96
#
_entry.id   7X96
#
_cell.length_a   1.00
_cell.length_b   1.00
_cell.length_c   1.00
_cell.angle_alpha   90.00
_cell.angle_beta   90.00
_cell.angle_gamma   90.00
#
_symmetry.space_group_name_H-M   'P 1'
#
loop_
_entity.id
_entity.type
_entity.pdbx_description
1 polymer 'Spike glycoprotein'
2 polymer 'Ab847 heavy chain'
3 polymer 'Ab847 light chain'
4 branched alpha-D-mannopyranose-(1-3)-[alpha-D-mannopyranose-(1-6)]beta-D-mannopyranose-(1-4)-2-acetamido-2-deoxy-beta-D-glucopyranose-(1-4)-[alpha-L-fucopyranose-(1-6)]2-acetamido-2-deoxy-beta-D-glucopyranose
#
loop_
_entity_poly.entity_id
_entity_poly.type
_entity_poly.pdbx_seq_one_letter_code
_entity_poly.pdbx_strand_id
1 'polypeptide(L)'
;MFVFLVLLPLVSSQCVNLTTRTQLPPAYTNSFTRGVYYPDKVFRSSVLHSTQDLFLPFFSNVTWFHAIHVSGTNGTKRFD
NPVLPFNDGVYFASTEKSNIIRGWIFGTTLDSKTQSLLIVNNATNVVIKVCEFQFCNDPFLGVYYHKNNKSWMESEFRVY
SSANNCTFEYVSQPFLMDLEGKQGNFKNLREFVFKNIDGYFKIYSKHTPINLVRDLPQGFSALEPLVDLPIGINITRFQT
LLALHRSYLTPGDSSSGWTAGAAAYYVGYLQPRTFLLKYNENGTITDAVDCALDPLSETKCTLKSFTVEKGIYQTSNFRV
QPTESIVRFPNITNLCPFGEVFNATRFASVYAWNRKRISNCVADYSVLYNSASFSTFKCYGVSPTKLNDLCFTNVYADSF
VIRGDEVRQIAPGQTGKIADYNYKLPDDFTGCVIAWNSNNLDSKVGGNYNYLYRLFRKSNLKPFERDISTEIYQAGSTPC
NGVEGFNCYFPLQSYGFQPTNGVGYQPYRVVVLSFELLHAPATVCGPKKSTNLVKNKCVNFNFNGLTGTGVLTESNKKFL
PFQQFGRDIADTTDAVRDPQTLEILDITPCSFGGVSVITPGTNTSNQVAVLYQDVNCTEVPVAIHADQLTPTWRVYSTGS
NVFQTRAGCLIGAEHVNNSYECDIPIGAGICASYQTQTNSPGSASSVASQSIIAYTMSLGAENSVAYSNNSIAIPTNFTI
SVTTEILPVSMTKTSVDCTMYICGDSTECSNLLLQYGSFCTQLNRALTGIAVEQDKNTQEVFAQVKQIYKTPPIKDFGGF
NFSQILPDPSKPSKRSPIEDLLFNKVTLADAGFIKQYGDCLGDIAARDLICAQKFNGLTVLPPLLTDEMIAQYTSALLAG
TITSGWTFGAGPALQIPFPMQMAYRFNGIGVTQNVLYENQKLIANQFNSAIGKIQDSLSSTPSALGKLQDVVNQNAQALN
TLVKQLSSNFGAISSVLNDILSRLDPPEAEVQIDRLITGRLQSLQTYVTQQLIRAAEIRASANLAATKMSECVLGQSKRV
DFCGKGYHLMSFPQSAPHGVVFLHVTYVPAQEKNFTTAPAICHDGKAHFPREGVFVSNGTHWFVTQRNFYEPQIITTDNT
FVSGNCDVVIGIVNNTVYDPLQPELDSFKEELDKYFKNHTSPDVDLGDISGINASVVNIQKEIDRLNEVAKNLNESLIDL
QELGKYEQAAAGSGYIPEAPRDGQAYVRKDGEWVLLSTFLGSSGRENLYFQGGGGSGLNDIFEAQKIEWHEGHHHHHH
;
G
2 'polypeptide(L)'
;MDPKGSLSWRILLFLSLAFELSYGLEEVQLVQSGAEVKKPGASVKVSCKASGYTFTSYDIIWVRQATGQGLEWMGWMDPS
RGTTGYAQTFQGRVTMTRDTSISTAYLELNSLTSEDTAVYYCVAHIVVLDRWFDPWGQGTLVTVSSASTKGPSVFPLAPS
SKSTSGGTAALGCLVKDYFPEPVTVSWNSGALTSGVHTFPAVLQSSGLYSLSSVVTVPSSSLGTQTYICNVNHKPSNTKV
DKKVEPKSCENLYFQGHHHHHH
;
H
3 'polypeptide(L)'
;MDPKGSLSWRILLFLSLAFELSYGLEDIVMTQSPSSLSASVGDRVTITCQASQDIGNFLNWCQQKPGQAPKVLIYGASNL
ETGVPSRFSGSGSGTDFTFTISSLQPEDIATYYCQHYDNFPPRFTFGQGTKLDIKRTVAAPSVFIFPPSDEQLKSGTASV
VCLLNNFYPREAKVQWKVDNALQSGNSQESVTEQDSKDSTYSLSSTLTLSKADYEKHKVYACEVTHQGLSSPVTKSFNRG
EC
;
L
#
loop_
_chem_comp.id
_chem_comp.type
_chem_comp.name
_chem_comp.formula
BMA D-saccharide, beta linking beta-D-mannopyranose 'C6 H12 O6'
FUC L-saccharide, alpha linking alpha-L-fucopyranose 'C6 H12 O5'
MAN D-saccharide, alpha linking alpha-D-mannopyranose 'C6 H12 O6'
NAG D-saccharide, beta linking 2-acetamido-2-deoxy-beta-D-glucopyranose 'C8 H15 N O6'
#
# COMPACT_ATOMS: atom_id res chain seq x y z
N ILE A 332 7.73 -28.89 -17.19
CA ILE A 332 7.84 -27.76 -16.27
C ILE A 332 6.50 -27.05 -16.15
N THR A 333 6.13 -26.69 -14.92
CA THR A 333 4.89 -25.98 -14.68
C THR A 333 4.98 -25.26 -13.34
N ASN A 334 5.05 -23.94 -13.38
CA ASN A 334 5.08 -23.12 -12.17
C ASN A 334 4.44 -21.78 -12.47
N LEU A 335 3.98 -21.12 -11.42
CA LEU A 335 3.46 -19.76 -11.54
C LEU A 335 4.54 -18.78 -11.11
N CYS A 336 4.95 -17.91 -12.03
CA CYS A 336 6.05 -17.01 -11.77
C CYS A 336 5.67 -15.95 -10.76
N PRO A 337 6.65 -15.38 -10.06
CA PRO A 337 6.34 -14.40 -9.01
C PRO A 337 6.10 -13.01 -9.56
N PHE A 338 5.35 -12.89 -10.65
CA PHE A 338 4.95 -11.57 -11.11
C PHE A 338 4.11 -10.86 -10.06
N GLY A 339 3.28 -11.62 -9.34
CA GLY A 339 2.55 -11.03 -8.24
C GLY A 339 3.46 -10.42 -7.20
N GLU A 340 4.55 -11.13 -6.85
CA GLU A 340 5.46 -10.63 -5.83
C GLU A 340 6.02 -9.27 -6.21
N VAL A 341 6.52 -9.13 -7.43
CA VAL A 341 7.13 -7.88 -7.85
C VAL A 341 6.08 -6.79 -8.02
N PHE A 342 4.94 -7.14 -8.62
CA PHE A 342 3.90 -6.14 -8.87
C PHE A 342 3.15 -5.76 -7.60
N ASN A 343 2.88 -6.73 -6.73
CA ASN A 343 2.11 -6.51 -5.51
C ASN A 343 3.02 -6.32 -4.30
N ALA A 344 4.17 -5.68 -4.48
CA ALA A 344 5.08 -5.39 -3.38
C ALA A 344 4.65 -4.10 -2.69
N THR A 345 4.69 -4.12 -1.36
CA THR A 345 4.25 -2.94 -0.60
C THR A 345 5.17 -1.75 -0.83
N ARG A 346 6.48 -1.97 -0.85
CA ARG A 346 7.45 -0.89 -0.89
C ARG A 346 8.40 -1.11 -2.06
N PHE A 347 8.50 -0.12 -2.94
CA PHE A 347 9.45 -0.15 -4.03
C PHE A 347 10.67 0.71 -3.68
N ALA A 348 11.82 0.30 -4.21
CA ALA A 348 13.05 1.02 -3.95
C ALA A 348 13.06 2.35 -4.69
N SER A 349 13.91 3.26 -4.24
CA SER A 349 14.04 4.56 -4.88
C SER A 349 14.66 4.40 -6.26
N VAL A 350 14.49 5.44 -7.09
CA VAL A 350 14.97 5.38 -8.46
C VAL A 350 16.47 5.17 -8.50
N TYR A 351 17.22 5.90 -7.66
CA TYR A 351 18.67 5.75 -7.64
C TYR A 351 19.07 4.36 -7.17
N ALA A 352 18.21 3.69 -6.40
CA ALA A 352 18.44 2.34 -5.93
C ALA A 352 17.44 1.37 -6.54
N TRP A 353 17.14 1.56 -7.82
CA TRP A 353 16.15 0.74 -8.51
C TRP A 353 16.38 -0.74 -8.26
N ASN A 354 15.40 -1.38 -7.64
CA ASN A 354 15.54 -2.78 -7.28
C ASN A 354 15.52 -3.66 -8.52
N ARG A 355 16.34 -4.71 -8.51
CA ARG A 355 16.44 -5.65 -9.61
C ARG A 355 16.17 -7.05 -9.12
N LYS A 356 15.41 -7.81 -9.90
CA LYS A 356 15.10 -9.20 -9.59
C LYS A 356 15.29 -10.05 -10.84
N ARG A 357 15.71 -11.28 -10.64
CA ARG A 357 15.97 -12.24 -11.71
C ARG A 357 14.96 -13.36 -11.61
N ILE A 358 14.25 -13.64 -12.71
CA ILE A 358 13.24 -14.69 -12.75
C ILE A 358 13.61 -15.65 -13.87
N SER A 359 13.62 -16.94 -13.55
CA SER A 359 13.97 -18.00 -14.49
C SER A 359 13.34 -19.30 -14.00
N ASN A 360 13.29 -20.28 -14.90
CA ASN A 360 12.77 -21.61 -14.58
C ASN A 360 11.33 -21.53 -14.08
N CYS A 361 10.46 -21.07 -14.97
CA CYS A 361 9.05 -20.88 -14.63
C CYS A 361 8.24 -20.72 -15.91
N VAL A 362 6.94 -20.92 -15.79
CA VAL A 362 6.01 -20.69 -16.89
C VAL A 362 5.26 -19.40 -16.61
N ALA A 363 5.64 -18.34 -17.32
CA ALA A 363 5.01 -17.04 -17.12
C ALA A 363 3.69 -16.96 -17.87
N ASP A 364 2.88 -15.97 -17.48
CA ASP A 364 1.58 -15.73 -18.11
C ASP A 364 1.39 -14.22 -18.19
N TYR A 365 1.75 -13.64 -19.33
CA TYR A 365 1.64 -12.20 -19.54
C TYR A 365 0.23 -11.77 -19.91
N SER A 366 -0.68 -12.70 -20.18
CA SER A 366 -2.03 -12.33 -20.58
C SER A 366 -2.72 -11.52 -19.49
N VAL A 367 -2.59 -11.96 -18.23
CA VAL A 367 -3.20 -11.22 -17.13
C VAL A 367 -2.62 -9.81 -17.05
N LEU A 368 -1.30 -9.69 -17.20
CA LEU A 368 -0.67 -8.38 -17.15
C LEU A 368 -1.16 -7.50 -18.29
N TYR A 369 -1.22 -8.06 -19.50
CA TYR A 369 -1.59 -7.26 -20.66
C TYR A 369 -3.05 -6.80 -20.58
N ASN A 370 -3.95 -7.69 -20.17
CA ASN A 370 -5.38 -7.38 -20.22
C ASN A 370 -5.83 -6.45 -19.10
N SER A 371 -5.02 -6.27 -18.06
CA SER A 371 -5.42 -5.37 -16.97
C SER A 371 -5.49 -3.94 -17.47
N ALA A 372 -6.57 -3.25 -17.09
CA ALA A 372 -6.78 -1.87 -17.50
C ALA A 372 -6.21 -0.87 -16.51
N SER A 373 -5.69 -1.32 -15.37
CA SER A 373 -5.16 -0.39 -14.38
C SER A 373 -3.92 0.33 -14.91
N PHE A 374 -3.07 -0.37 -15.64
CA PHE A 374 -1.81 0.21 -16.10
C PHE A 374 -2.09 1.44 -16.96
N SER A 375 -1.45 2.56 -16.61
CA SER A 375 -1.57 3.75 -17.44
C SER A 375 -0.68 3.65 -18.67
N THR A 376 0.48 3.02 -18.56
CA THR A 376 1.41 2.86 -19.66
C THR A 376 1.85 1.40 -19.76
N PHE A 377 1.86 0.88 -20.98
CA PHE A 377 2.27 -0.50 -21.22
C PHE A 377 3.15 -0.60 -22.46
N LYS A 378 3.84 0.48 -22.82
CA LYS A 378 4.62 0.51 -24.06
C LYS A 378 5.70 -0.56 -24.02
N CYS A 379 5.81 -1.33 -25.10
CA CYS A 379 6.84 -2.35 -25.22
C CYS A 379 7.79 -2.00 -26.36
N TYR A 380 8.96 -2.64 -26.36
CA TYR A 380 9.98 -2.42 -27.37
C TYR A 380 10.53 -3.76 -27.82
N GLY A 381 10.63 -3.94 -29.14
CA GLY A 381 11.18 -5.16 -29.71
C GLY A 381 10.24 -6.34 -29.73
N VAL A 382 9.25 -6.38 -28.83
CA VAL A 382 8.28 -7.47 -28.80
C VAL A 382 6.89 -6.86 -28.68
N SER A 383 6.00 -7.20 -29.62
CA SER A 383 4.66 -6.68 -29.57
C SER A 383 3.94 -7.22 -28.32
N PRO A 384 3.13 -6.39 -27.65
CA PRO A 384 2.50 -6.86 -26.41
C PRO A 384 1.58 -8.06 -26.58
N THR A 385 1.10 -8.31 -27.79
CA THR A 385 0.07 -9.32 -27.98
C THR A 385 0.62 -10.74 -27.83
N LYS A 386 1.77 -11.02 -28.44
CA LYS A 386 2.23 -12.39 -28.62
C LYS A 386 3.29 -12.82 -27.60
N LEU A 387 3.35 -12.12 -26.45
CA LEU A 387 4.33 -12.51 -25.44
C LEU A 387 4.16 -13.98 -25.04
N ASN A 388 2.93 -14.46 -24.96
CA ASN A 388 2.69 -15.83 -24.53
C ASN A 388 3.27 -16.85 -25.50
N ASP A 389 3.63 -16.44 -26.71
CA ASP A 389 4.14 -17.36 -27.73
C ASP A 389 5.65 -17.42 -27.77
N LEU A 390 6.35 -16.75 -26.85
CA LEU A 390 7.80 -16.67 -26.86
C LEU A 390 8.38 -17.39 -25.66
N CYS A 391 9.50 -18.09 -25.87
CA CYS A 391 10.26 -18.71 -24.80
C CYS A 391 11.48 -17.84 -24.52
N PHE A 392 11.64 -17.45 -23.26
CA PHE A 392 12.68 -16.51 -22.85
C PHE A 392 13.80 -17.24 -22.14
N THR A 393 15.04 -16.88 -22.48
CA THR A 393 16.20 -17.47 -21.82
C THR A 393 16.17 -17.18 -20.32
N ASN A 394 15.91 -15.94 -19.95
CA ASN A 394 15.86 -15.50 -18.56
C ASN A 394 15.35 -14.08 -18.54
N VAL A 395 14.51 -13.76 -17.55
CA VAL A 395 13.89 -12.45 -17.52
C VAL A 395 14.33 -11.70 -16.28
N TYR A 396 14.37 -10.38 -16.38
CA TYR A 396 14.74 -9.51 -15.28
C TYR A 396 13.64 -8.47 -15.08
N ALA A 397 13.39 -8.13 -13.82
CA ALA A 397 12.38 -7.15 -13.47
C ALA A 397 13.05 -6.04 -12.66
N ASP A 398 13.00 -4.81 -13.19
CA ASP A 398 13.54 -3.64 -12.52
C ASP A 398 12.38 -2.79 -12.05
N SER A 399 12.32 -2.53 -10.74
CA SER A 399 11.20 -1.82 -10.14
C SER A 399 11.72 -0.61 -9.37
N PHE A 400 10.98 0.50 -9.48
CA PHE A 400 11.28 1.70 -8.73
C PHE A 400 10.12 2.68 -8.93
N VAL A 401 10.29 3.89 -8.39
CA VAL A 401 9.26 4.91 -8.44
C VAL A 401 9.78 6.11 -9.22
N ILE A 402 8.85 6.95 -9.66
CA ILE A 402 9.14 8.09 -10.51
C ILE A 402 8.13 9.18 -10.21
N ARG A 403 8.54 10.43 -10.41
CA ARG A 403 7.69 11.59 -10.10
C ARG A 403 6.70 11.85 -11.24
N GLY A 404 5.87 10.85 -11.50
CA GLY A 404 4.73 11.04 -12.38
C GLY A 404 5.06 11.52 -13.78
N ASP A 405 4.79 12.80 -14.03
CA ASP A 405 4.79 13.33 -15.39
C ASP A 405 5.93 12.81 -16.25
N GLU A 406 7.16 12.86 -15.75
CA GLU A 406 8.29 12.42 -16.57
C GLU A 406 8.45 10.91 -16.53
N VAL A 407 7.37 10.18 -16.78
CA VAL A 407 7.43 8.72 -16.88
C VAL A 407 7.92 8.28 -18.25
N ARG A 408 7.52 9.01 -19.30
CA ARG A 408 8.00 8.69 -20.64
C ARG A 408 9.51 8.88 -20.76
N GLN A 409 10.11 9.61 -19.81
CA GLN A 409 11.56 9.78 -19.82
C GLN A 409 12.28 8.44 -19.79
N ILE A 410 11.67 7.42 -19.20
CA ILE A 410 12.26 6.08 -19.14
C ILE A 410 11.99 5.38 -20.46
N ALA A 411 12.95 5.43 -21.37
CA ALA A 411 12.81 4.81 -22.67
C ALA A 411 14.14 4.89 -23.42
N PRO A 412 14.40 3.99 -24.36
CA PRO A 412 15.68 4.05 -25.10
C PRO A 412 15.83 5.38 -25.82
N GLY A 413 17.06 5.89 -25.81
CA GLY A 413 17.35 7.14 -26.49
C GLY A 413 16.95 8.37 -25.68
N GLN A 414 15.72 8.37 -25.17
CA GLN A 414 15.19 9.51 -24.43
C GLN A 414 16.16 9.92 -23.32
N THR A 415 16.43 11.21 -23.23
CA THR A 415 17.37 11.75 -22.26
C THR A 415 16.64 12.62 -21.23
N GLY A 416 17.38 13.02 -20.20
CA GLY A 416 16.82 13.83 -19.14
C GLY A 416 17.65 13.68 -17.88
N LYS A 417 17.05 14.14 -16.77
CA LYS A 417 17.78 14.14 -15.50
C LYS A 417 17.97 12.73 -14.97
N ILE A 418 16.86 12.04 -14.67
CA ILE A 418 16.96 10.72 -14.07
C ILE A 418 17.56 9.72 -15.05
N ALA A 419 17.22 9.86 -16.33
CA ALA A 419 17.76 8.94 -17.33
C ALA A 419 19.27 9.06 -17.42
N ASP A 420 19.79 10.28 -17.35
CA ASP A 420 21.24 10.48 -17.42
C ASP A 420 21.94 10.12 -16.12
N TYR A 421 21.29 10.33 -14.97
CA TYR A 421 21.95 10.18 -13.69
C TYR A 421 21.52 8.98 -12.88
N ASN A 422 20.32 8.45 -13.08
CA ASN A 422 19.78 7.40 -12.22
C ASN A 422 19.62 6.07 -12.94
N TYR A 423 18.86 6.04 -14.04
CA TYR A 423 18.51 4.77 -14.67
C TYR A 423 18.42 5.00 -16.17
N LYS A 424 19.33 4.38 -16.92
CA LYS A 424 19.38 4.50 -18.36
C LYS A 424 19.23 3.14 -19.02
N LEU A 425 18.42 3.07 -20.06
CA LEU A 425 18.26 1.85 -20.82
C LEU A 425 19.11 1.89 -22.09
N PRO A 426 19.61 0.75 -22.55
CA PRO A 426 20.40 0.74 -23.78
C PRO A 426 19.55 1.13 -24.98
N ASP A 427 20.20 1.72 -25.98
CA ASP A 427 19.49 2.18 -27.16
C ASP A 427 18.75 1.03 -27.85
N ASP A 428 19.41 -0.12 -27.99
CA ASP A 428 18.79 -1.31 -28.57
C ASP A 428 18.20 -2.20 -27.47
N PHE A 429 17.39 -1.60 -26.60
CA PHE A 429 16.79 -2.33 -25.50
C PHE A 429 15.61 -3.15 -26.00
N THR A 430 15.48 -4.36 -25.47
CA THR A 430 14.36 -5.25 -25.76
C THR A 430 13.64 -5.58 -24.46
N GLY A 431 12.34 -5.36 -24.44
CA GLY A 431 11.55 -5.62 -23.24
C GLY A 431 10.29 -4.77 -23.25
N CYS A 432 9.70 -4.64 -22.06
CA CYS A 432 8.48 -3.87 -21.89
C CYS A 432 8.63 -2.94 -20.70
N VAL A 433 7.96 -1.79 -20.78
CA VAL A 433 7.99 -0.77 -19.74
C VAL A 433 6.57 -0.63 -19.20
N ILE A 434 6.43 -0.71 -17.88
CA ILE A 434 5.13 -0.62 -17.23
C ILE A 434 5.13 0.60 -16.33
N ALA A 435 3.93 1.16 -16.12
CA ALA A 435 3.79 2.32 -15.25
C ALA A 435 2.33 2.54 -14.89
N TRP A 436 2.04 2.69 -13.60
CA TRP A 436 0.68 2.93 -13.13
C TRP A 436 0.73 3.94 -11.99
N ASN A 437 -0.25 4.83 -11.98
CA ASN A 437 -0.35 5.79 -10.88
C ASN A 437 -0.47 5.05 -9.56
N SER A 438 0.31 5.46 -8.58
CA SER A 438 0.35 4.82 -7.27
C SER A 438 0.23 5.86 -6.16
N ASN A 439 -0.57 6.90 -6.39
CA ASN A 439 -0.75 7.92 -5.37
C ASN A 439 -1.24 7.31 -4.07
N ASN A 440 -2.15 6.34 -4.15
CA ASN A 440 -2.68 5.69 -2.96
C ASN A 440 -1.65 4.81 -2.26
N LEU A 441 -0.50 4.55 -2.89
CA LEU A 441 0.49 3.64 -2.34
C LEU A 441 1.78 4.31 -1.90
N ASP A 442 2.08 5.50 -2.39
CA ASP A 442 3.37 6.13 -2.14
C ASP A 442 3.27 7.47 -1.42
N SER A 443 2.39 8.36 -1.88
CA SER A 443 2.35 9.70 -1.32
C SER A 443 1.95 9.68 0.14
N LYS A 444 2.49 10.62 0.91
CA LYS A 444 2.18 10.80 2.31
C LYS A 444 1.51 12.16 2.53
N VAL A 445 0.65 12.21 3.55
CA VAL A 445 -0.16 13.41 3.76
C VAL A 445 0.73 14.63 4.00
N GLY A 446 1.65 14.53 4.95
CA GLY A 446 2.55 15.62 5.23
C GLY A 446 3.61 15.80 4.17
N GLY A 447 4.12 14.67 3.67
CA GLY A 447 5.17 14.67 2.68
C GLY A 447 5.93 13.36 2.69
N ASN A 448 6.27 12.84 1.52
CA ASN A 448 6.91 11.53 1.47
C ASN A 448 8.31 11.58 2.07
N TYR A 449 9.19 12.38 1.50
CA TYR A 449 10.53 12.60 2.04
C TYR A 449 11.26 11.28 2.30
N ASN A 450 10.97 10.25 1.49
CA ASN A 450 11.63 8.97 1.64
C ASN A 450 12.00 8.32 0.31
N TYR A 451 11.77 8.98 -0.82
CA TYR A 451 12.25 8.51 -2.11
C TYR A 451 13.27 9.51 -2.63
N LEU A 452 14.46 9.01 -2.96
CA LEU A 452 15.60 9.85 -3.32
C LEU A 452 15.97 9.62 -4.77
N TYR A 453 16.39 10.70 -5.44
CA TYR A 453 16.95 10.64 -6.78
C TYR A 453 18.20 11.50 -6.82
N ARG A 454 19.21 11.03 -7.54
CA ARG A 454 20.49 11.72 -7.56
C ARG A 454 20.45 12.94 -8.46
N LEU A 455 21.16 13.99 -8.05
CA LEU A 455 21.35 15.18 -8.85
C LEU A 455 22.84 15.51 -8.88
N PHE A 456 23.28 16.12 -9.99
CA PHE A 456 24.63 16.61 -10.14
C PHE A 456 25.65 15.46 -10.01
N ARG A 457 25.53 14.49 -10.91
CA ARG A 457 26.54 13.45 -11.01
C ARG A 457 27.71 13.92 -11.85
N LYS A 458 28.90 13.43 -11.51
CA LYS A 458 30.11 13.89 -12.19
C LYS A 458 30.01 13.68 -13.69
N SER A 459 29.65 12.47 -14.11
CA SER A 459 29.56 12.11 -15.51
C SER A 459 28.23 11.40 -15.77
N ASN A 460 27.97 11.12 -17.04
CA ASN A 460 26.75 10.42 -17.41
C ASN A 460 26.77 9.00 -16.84
N LEU A 461 25.66 8.30 -17.02
CA LEU A 461 25.47 6.95 -16.50
C LEU A 461 25.30 5.98 -17.66
N LYS A 462 26.11 4.93 -17.67
CA LYS A 462 25.99 3.91 -18.70
C LYS A 462 24.71 3.11 -18.50
N PRO A 463 24.20 2.47 -19.56
CA PRO A 463 22.97 1.70 -19.41
C PRO A 463 23.14 0.57 -18.41
N PHE A 464 22.09 0.33 -17.62
CA PHE A 464 22.01 -0.82 -16.71
C PHE A 464 23.23 -0.87 -15.80
N GLU A 465 23.36 0.15 -14.94
CA GLU A 465 24.41 0.17 -13.93
C GLU A 465 23.89 0.85 -12.68
N ARG A 466 24.19 0.26 -11.53
CA ARG A 466 23.78 0.81 -10.25
C ARG A 466 24.72 1.94 -9.85
N ASP A 467 24.21 2.83 -8.99
CA ASP A 467 25.01 3.94 -8.48
C ASP A 467 24.44 4.34 -7.13
N ILE A 468 25.14 3.95 -6.05
CA ILE A 468 24.68 4.18 -4.69
C ILE A 468 25.65 5.02 -3.89
N SER A 469 26.77 5.44 -4.47
CA SER A 469 27.72 6.26 -3.74
C SER A 469 27.06 7.54 -3.26
N THR A 470 27.39 7.95 -2.03
CA THR A 470 26.80 9.13 -1.39
C THR A 470 27.89 10.13 -1.04
N GLU A 471 28.79 10.36 -1.97
CA GLU A 471 29.89 11.30 -1.77
C GLU A 471 29.44 12.70 -2.16
N ILE A 472 29.87 13.70 -1.37
CA ILE A 472 29.50 15.07 -1.65
C ILE A 472 30.03 15.50 -3.01
N TYR A 473 29.19 16.19 -3.77
CA TYR A 473 29.54 16.62 -5.12
C TYR A 473 30.13 18.02 -5.07
N GLN A 474 31.33 18.16 -5.64
CA GLN A 474 32.01 19.45 -5.72
C GLN A 474 31.71 20.07 -7.07
N ALA A 475 31.00 21.20 -7.08
CA ALA A 475 30.67 21.90 -8.31
C ALA A 475 31.80 22.86 -8.68
N GLY A 476 32.99 22.30 -8.85
CA GLY A 476 34.16 23.09 -9.19
C GLY A 476 34.65 23.90 -8.00
N SER A 477 35.59 24.80 -8.31
CA SER A 477 36.16 25.69 -7.29
C SER A 477 36.87 24.82 -6.24
N THR A 478 36.92 25.28 -4.99
CA THR A 478 37.62 24.56 -3.95
C THR A 478 36.91 23.23 -3.66
N PRO A 479 37.66 22.21 -3.25
CA PRO A 479 37.02 20.92 -2.92
C PRO A 479 36.52 20.89 -1.49
N CYS A 480 35.69 19.89 -1.22
CA CYS A 480 35.12 19.66 0.10
C CYS A 480 35.66 18.37 0.69
N ASN A 481 35.57 18.27 2.02
CA ASN A 481 35.97 17.08 2.76
C ASN A 481 34.84 16.78 3.74
N GLY A 482 33.85 16.02 3.29
CA GLY A 482 32.69 15.74 4.13
C GLY A 482 31.97 16.97 4.60
N VAL A 483 31.98 18.04 3.81
CA VAL A 483 31.35 19.30 4.17
C VAL A 483 30.40 19.72 3.05
N GLU A 484 29.39 20.49 3.42
CA GLU A 484 28.41 21.02 2.48
C GLU A 484 28.48 22.54 2.48
N GLY A 485 28.19 23.13 1.33
CA GLY A 485 28.22 24.58 1.22
C GLY A 485 28.15 25.00 -0.24
N PHE A 486 28.67 26.21 -0.50
CA PHE A 486 28.62 26.77 -1.84
C PHE A 486 29.29 25.85 -2.84
N ASN A 487 28.61 25.61 -3.97
CA ASN A 487 29.09 24.72 -5.02
C ASN A 487 29.42 23.33 -4.50
N CYS A 488 28.82 22.94 -3.37
CA CYS A 488 29.17 21.71 -2.69
C CYS A 488 27.88 20.99 -2.26
N TYR A 489 26.94 20.88 -3.18
CA TYR A 489 25.60 20.39 -2.85
C TYR A 489 25.62 18.90 -2.57
N PHE A 490 24.60 18.46 -1.84
CA PHE A 490 24.38 17.03 -1.63
C PHE A 490 23.92 16.39 -2.94
N PRO A 491 24.32 15.14 -3.22
CA PRO A 491 23.98 14.55 -4.52
C PRO A 491 22.57 13.99 -4.60
N LEU A 492 21.94 13.62 -3.49
CA LEU A 492 20.63 13.00 -3.50
C LEU A 492 19.58 14.01 -3.02
N GLN A 493 18.47 14.09 -3.75
CA GLN A 493 17.36 14.96 -3.41
C GLN A 493 16.09 14.14 -3.26
N SER A 494 15.28 14.50 -2.27
CA SER A 494 14.06 13.76 -1.96
C SER A 494 12.85 14.39 -2.65
N TYR A 495 11.84 13.56 -2.89
CA TYR A 495 10.61 14.00 -3.53
C TYR A 495 9.66 14.61 -2.49
N GLY A 496 8.64 15.30 -3.00
CA GLY A 496 7.63 15.90 -2.15
C GLY A 496 6.25 15.35 -2.42
N PHE A 497 6.15 14.03 -2.60
CA PHE A 497 4.88 13.41 -2.92
C PHE A 497 3.85 13.71 -1.83
N GLN A 498 2.68 14.18 -2.25
CA GLN A 498 1.56 14.43 -1.37
C GLN A 498 0.29 14.05 -2.10
N PRO A 499 -0.78 13.72 -1.37
CA PRO A 499 -2.05 13.41 -2.06
C PRO A 499 -2.53 14.55 -2.94
N THR A 500 -2.34 15.80 -2.50
CA THR A 500 -2.76 16.97 -3.26
C THR A 500 -1.54 17.53 -3.98
N ASN A 501 -1.23 16.92 -5.13
CA ASN A 501 -0.08 17.34 -5.93
C ASN A 501 -0.38 17.44 -7.42
N GLY A 502 -1.53 16.97 -7.89
CA GLY A 502 -1.82 16.98 -9.31
C GLY A 502 -1.16 15.81 -10.01
N VAL A 503 -1.83 15.27 -11.03
CA VAL A 503 -1.34 14.06 -11.69
C VAL A 503 0.11 14.22 -12.11
N GLY A 504 0.53 15.43 -12.45
CA GLY A 504 1.91 15.64 -12.88
C GLY A 504 2.91 15.31 -11.78
N TYR A 505 2.59 15.68 -10.54
CA TYR A 505 3.50 15.52 -9.41
C TYR A 505 3.08 14.39 -8.49
N GLN A 506 2.44 13.35 -9.02
CA GLN A 506 2.03 12.22 -8.22
C GLN A 506 2.99 11.04 -8.40
N PRO A 507 3.13 10.18 -7.41
CA PRO A 507 4.03 9.03 -7.55
C PRO A 507 3.56 8.07 -8.63
N TYR A 508 4.52 7.45 -9.29
CA TYR A 508 4.26 6.40 -10.25
C TYR A 508 5.24 5.26 -10.00
N ARG A 509 4.80 4.03 -10.24
CA ARG A 509 5.63 2.85 -10.05
C ARG A 509 5.91 2.22 -11.41
N VAL A 510 7.18 2.03 -11.72
CA VAL A 510 7.61 1.44 -12.98
C VAL A 510 8.36 0.14 -12.67
N VAL A 511 7.96 -0.93 -13.35
CA VAL A 511 8.52 -2.25 -13.12
C VAL A 511 9.10 -2.78 -14.42
N VAL A 512 9.72 -1.88 -15.19
CA VAL A 512 10.24 -2.21 -16.52
C VAL A 512 10.93 -3.56 -16.50
N LEU A 513 10.56 -4.42 -17.45
CA LEU A 513 11.12 -5.75 -17.57
C LEU A 513 12.26 -5.76 -18.59
N SER A 514 12.93 -6.90 -18.70
CA SER A 514 14.02 -7.06 -19.65
C SER A 514 14.12 -8.54 -20.03
N PHE A 515 14.19 -8.81 -21.33
CA PHE A 515 14.30 -10.16 -21.85
C PHE A 515 15.66 -10.34 -22.51
N GLU A 516 16.33 -11.45 -22.16
CA GLU A 516 17.66 -11.70 -22.72
C GLU A 516 17.58 -12.01 -24.21
N LEU A 517 16.69 -12.92 -24.60
CA LEU A 517 16.59 -13.35 -25.99
C LEU A 517 17.96 -13.79 -26.52
N LEU A 518 18.71 -14.51 -25.69
CA LEU A 518 20.06 -14.92 -26.02
C LEU A 518 20.12 -16.20 -26.84
N HIS A 519 18.98 -16.81 -27.15
CA HIS A 519 18.92 -18.07 -27.88
C HIS A 519 19.56 -19.21 -27.10
N ALA A 520 19.76 -19.04 -25.80
CA ALA A 520 20.27 -20.08 -24.94
C ALA A 520 19.14 -20.99 -24.49
N PRO A 521 19.46 -22.12 -23.86
CA PRO A 521 18.39 -22.99 -23.32
C PRO A 521 17.35 -22.19 -22.57
N ALA A 522 16.11 -22.20 -23.09
CA ALA A 522 15.05 -21.37 -22.52
C ALA A 522 14.72 -21.83 -21.11
N THR A 523 14.43 -20.86 -20.24
CA THR A 523 14.03 -21.13 -18.87
C THR A 523 12.65 -20.60 -18.53
N VAL A 524 12.22 -19.52 -19.20
CA VAL A 524 10.88 -18.97 -19.02
C VAL A 524 10.16 -18.99 -20.36
N CYS A 525 8.94 -19.50 -20.37
CA CYS A 525 8.14 -19.51 -21.58
C CYS A 525 6.67 -19.46 -21.20
N GLY A 526 5.85 -19.04 -22.15
CA GLY A 526 4.43 -18.86 -21.91
C GLY A 526 3.69 -20.17 -21.86
N PRO A 527 2.42 -20.09 -21.46
CA PRO A 527 1.61 -21.32 -21.34
C PRO A 527 1.34 -21.92 -22.71
N LYS A 528 1.46 -23.24 -22.80
CA LYS A 528 1.19 -23.97 -24.02
C LYS A 528 1.38 -25.46 -23.74
N LYS A 529 0.84 -26.28 -24.64
CA LYS A 529 0.92 -27.73 -24.48
C LYS A 529 1.78 -28.35 -25.57
N GLU B 27 -11.72 -15.83 0.08
CA GLU B 27 -10.59 -16.80 0.20
C GLU B 27 -9.66 -16.43 1.35
N VAL B 28 -9.37 -15.14 1.48
CA VAL B 28 -8.47 -14.68 2.53
C VAL B 28 -9.17 -14.80 3.88
N GLN B 29 -8.52 -15.46 4.83
CA GLN B 29 -9.05 -15.68 6.16
C GLN B 29 -8.10 -15.10 7.19
N LEU B 30 -8.66 -14.45 8.21
CA LEU B 30 -7.89 -13.87 9.29
C LEU B 30 -8.30 -14.50 10.63
N VAL B 31 -8.38 -15.84 10.65
CA VAL B 31 -8.79 -16.53 11.87
C VAL B 31 -7.97 -16.04 13.04
N GLN B 32 -8.64 -15.79 14.16
CA GLN B 32 -8.05 -15.19 15.33
C GLN B 32 -8.39 -16.02 16.57
N SER B 33 -7.62 -15.81 17.63
CA SER B 33 -7.83 -16.54 18.87
C SER B 33 -9.15 -16.15 19.51
N GLY B 34 -9.64 -17.01 20.40
CA GLY B 34 -10.91 -16.78 21.06
C GLY B 34 -10.80 -15.77 22.18
N ALA B 35 -11.95 -15.48 22.78
CA ALA B 35 -12.02 -14.51 23.86
C ALA B 35 -11.21 -14.98 25.06
N GLU B 36 -10.68 -14.02 25.81
CA GLU B 36 -9.84 -14.32 26.96
C GLU B 36 -10.18 -13.36 28.10
N VAL B 37 -9.96 -13.83 29.33
CA VAL B 37 -10.17 -13.05 30.53
C VAL B 37 -8.90 -13.07 31.35
N LYS B 38 -8.42 -11.89 31.75
CA LYS B 38 -7.18 -11.78 32.51
C LYS B 38 -7.36 -10.77 33.63
N LYS B 39 -6.58 -10.94 34.69
CA LYS B 39 -6.63 -10.04 35.82
C LYS B 39 -5.89 -8.74 35.51
N PRO B 40 -6.21 -7.66 36.22
CA PRO B 40 -5.52 -6.39 35.97
C PRO B 40 -4.02 -6.52 36.20
N GLY B 41 -3.25 -5.84 35.35
CA GLY B 41 -1.81 -5.84 35.47
C GLY B 41 -1.12 -7.03 34.85
N ALA B 42 -1.86 -7.98 34.31
CA ALA B 42 -1.27 -9.18 33.71
C ALA B 42 -0.80 -8.86 32.29
N SER B 43 -0.47 -9.90 31.53
CA SER B 43 -0.07 -9.77 30.13
C SER B 43 -0.89 -10.72 29.28
N VAL B 44 -1.31 -10.25 28.12
CA VAL B 44 -2.15 -11.01 27.21
C VAL B 44 -1.44 -11.11 25.86
N LYS B 45 -1.39 -12.33 25.31
CA LYS B 45 -0.72 -12.61 24.04
C LYS B 45 -1.79 -13.09 23.06
N VAL B 46 -2.25 -12.19 22.20
CA VAL B 46 -3.31 -12.50 21.25
C VAL B 46 -2.70 -12.88 19.92
N SER B 47 -3.15 -14.00 19.37
CA SER B 47 -2.65 -14.51 18.10
C SER B 47 -3.57 -14.08 16.95
N CYS B 48 -3.04 -14.20 15.73
CA CYS B 48 -3.79 -13.83 14.53
C CYS B 48 -3.30 -14.75 13.41
N LYS B 49 -4.14 -15.71 13.02
CA LYS B 49 -3.81 -16.63 11.95
C LYS B 49 -4.30 -16.10 10.61
N ALA B 50 -3.42 -16.14 9.61
CA ALA B 50 -3.74 -15.66 8.28
C ALA B 50 -3.43 -16.76 7.27
N SER B 51 -4.23 -16.79 6.20
CA SER B 51 -4.07 -17.80 5.16
C SER B 51 -4.65 -17.25 3.86
N GLY B 52 -4.30 -17.92 2.76
CA GLY B 52 -4.76 -17.51 1.45
C GLY B 52 -3.88 -16.49 0.76
N TYR B 53 -2.79 -16.05 1.40
CA TYR B 53 -1.90 -15.08 0.79
C TYR B 53 -0.54 -15.19 1.47
N THR B 54 0.48 -14.61 0.83
CA THR B 54 1.83 -14.64 1.36
C THR B 54 1.87 -13.85 2.66
N PHE B 55 1.99 -14.57 3.79
CA PHE B 55 1.96 -13.90 5.08
C PHE B 55 3.13 -12.93 5.24
N THR B 56 4.34 -13.41 4.96
CA THR B 56 5.53 -12.58 5.19
C THR B 56 5.81 -11.69 3.99
N SER B 57 4.78 -10.97 3.52
CA SER B 57 4.96 -10.01 2.45
C SER B 57 4.26 -8.68 2.67
N TYR B 58 3.23 -8.62 3.52
CA TYR B 58 2.43 -7.42 3.68
C TYR B 58 2.31 -7.07 5.16
N ASP B 59 2.20 -5.77 5.44
CA ASP B 59 2.14 -5.30 6.81
C ASP B 59 0.85 -5.75 7.48
N ILE B 60 0.90 -5.89 8.80
CA ILE B 60 -0.25 -6.24 9.62
C ILE B 60 -0.40 -5.20 10.71
N ILE B 61 -1.64 -4.76 10.95
CA ILE B 61 -1.93 -3.75 11.94
C ILE B 61 -3.03 -4.25 12.86
N TRP B 62 -3.18 -3.56 13.98
CA TRP B 62 -4.15 -3.92 15.00
C TRP B 62 -4.96 -2.69 15.38
N VAL B 63 -6.23 -2.90 15.70
CA VAL B 63 -7.15 -1.82 16.07
C VAL B 63 -8.07 -2.32 17.16
N ARG B 64 -8.17 -1.58 18.26
CA ARG B 64 -9.05 -1.94 19.36
C ARG B 64 -10.28 -1.05 19.36
N GLN B 65 -11.45 -1.68 19.52
CA GLN B 65 -12.70 -0.97 19.73
C GLN B 65 -13.15 -1.22 21.16
N ALA B 66 -13.23 -0.15 21.94
CA ALA B 66 -13.69 -0.25 23.32
C ALA B 66 -15.20 -0.14 23.36
N THR B 67 -15.79 -0.80 24.36
CA THR B 67 -17.24 -0.82 24.50
C THR B 67 -17.77 0.61 24.63
N GLY B 68 -18.51 1.06 23.63
CA GLY B 68 -19.03 2.42 23.62
C GLY B 68 -18.14 3.45 22.99
N GLN B 69 -17.05 3.05 22.34
CA GLN B 69 -16.12 3.97 21.70
C GLN B 69 -15.79 3.47 20.31
N GLY B 70 -15.28 4.38 19.48
CA GLY B 70 -14.95 4.08 18.11
C GLY B 70 -13.63 3.35 17.98
N LEU B 71 -13.33 2.95 16.75
CA LEU B 71 -12.10 2.21 16.50
C LEU B 71 -10.88 3.06 16.84
N GLU B 72 -9.85 2.41 17.37
CA GLU B 72 -8.59 3.07 17.67
C GLU B 72 -7.47 2.19 17.15
N TRP B 73 -6.54 2.78 16.42
CA TRP B 73 -5.49 2.03 15.75
C TRP B 73 -4.33 1.76 16.71
N MET B 74 -3.86 0.51 16.70
CA MET B 74 -2.86 0.04 17.66
C MET B 74 -1.44 0.25 17.14
N GLY B 75 -1.09 -0.39 16.03
CA GLY B 75 0.27 -0.34 15.56
C GLY B 75 0.43 -1.09 14.25
N TRP B 76 1.68 -1.30 13.87
CA TRP B 76 1.99 -1.96 12.62
C TRP B 76 3.26 -2.78 12.78
N MET B 77 3.29 -3.92 12.08
CA MET B 77 4.39 -4.87 12.23
C MET B 77 4.64 -5.52 10.88
N ASP B 78 5.82 -5.29 10.31
CA ASP B 78 6.23 -5.94 9.08
C ASP B 78 6.56 -7.40 9.36
N PRO B 79 5.86 -8.37 8.73
CA PRO B 79 6.14 -9.77 9.04
C PRO B 79 7.47 -10.28 8.52
N SER B 80 8.12 -9.57 7.59
CA SER B 80 9.38 -10.03 7.02
C SER B 80 10.57 -9.46 7.78
N ARG B 81 10.69 -8.13 7.81
CA ARG B 81 11.83 -7.50 8.47
C ARG B 81 11.69 -7.55 9.98
N GLY B 82 10.47 -7.52 10.49
CA GLY B 82 10.22 -7.47 11.91
C GLY B 82 10.12 -6.08 12.49
N THR B 83 10.33 -5.03 11.68
CA THR B 83 10.20 -3.67 12.16
C THR B 83 8.78 -3.42 12.66
N THR B 84 8.67 -2.61 13.71
CA THR B 84 7.38 -2.37 14.35
C THR B 84 7.22 -0.88 14.63
N GLY B 85 5.97 -0.48 14.80
CA GLY B 85 5.66 0.89 15.17
C GLY B 85 4.36 0.96 15.96
N TYR B 86 4.30 1.83 16.95
CA TYR B 86 3.17 1.94 17.86
C TYR B 86 2.72 3.37 18.01
N ALA B 87 1.46 3.53 18.46
CA ALA B 87 0.95 4.85 18.77
C ALA B 87 1.59 5.38 20.04
N GLN B 88 1.77 6.70 20.08
CA GLN B 88 2.42 7.32 21.22
C GLN B 88 1.59 7.24 22.50
N THR B 89 0.28 7.00 22.38
CA THR B 89 -0.58 7.03 23.55
C THR B 89 -0.21 5.93 24.54
N PHE B 90 0.28 4.79 24.05
CA PHE B 90 0.61 3.65 24.88
C PHE B 90 1.97 3.06 24.52
N GLN B 91 2.86 3.89 23.99
CA GLN B 91 4.17 3.40 23.56
C GLN B 91 4.90 2.74 24.72
N GLY B 92 5.47 1.57 24.44
CA GLY B 92 6.23 0.83 25.41
C GLY B 92 5.44 -0.21 26.19
N ARG B 93 4.12 -0.23 26.03
CA ARG B 93 3.28 -1.19 26.74
C ARG B 93 2.92 -2.41 25.91
N VAL B 94 3.45 -2.54 24.69
CA VAL B 94 3.10 -3.64 23.81
C VAL B 94 4.32 -4.13 23.06
N THR B 95 4.20 -5.34 22.50
CA THR B 95 5.26 -5.94 21.70
C THR B 95 4.62 -6.96 20.78
N MET B 96 4.64 -6.69 19.48
CA MET B 96 4.01 -7.55 18.48
C MET B 96 5.08 -8.36 17.79
N THR B 97 5.20 -9.62 18.17
CA THR B 97 6.16 -10.54 17.57
C THR B 97 5.51 -11.23 16.36
N ARG B 98 6.16 -12.27 15.86
CA ARG B 98 5.67 -12.97 14.68
C ARG B 98 6.26 -14.38 14.66
N ASP B 99 5.67 -15.23 13.82
CA ASP B 99 6.19 -16.58 13.58
C ASP B 99 5.90 -16.93 12.12
N THR B 100 6.88 -16.67 11.26
CA THR B 100 6.69 -16.89 9.83
C THR B 100 6.51 -18.37 9.50
N SER B 101 7.05 -19.26 10.33
CA SER B 101 6.94 -20.69 10.05
C SER B 101 5.48 -21.12 10.03
N ILE B 102 4.69 -20.66 11.00
CA ILE B 102 3.27 -20.98 11.06
C ILE B 102 2.40 -19.89 10.46
N SER B 103 2.98 -18.74 10.09
CA SER B 103 2.26 -17.65 9.46
C SER B 103 1.16 -17.11 10.39
N THR B 104 1.58 -16.72 11.59
CA THR B 104 0.69 -16.12 12.56
C THR B 104 1.35 -14.90 13.17
N ALA B 105 0.60 -13.81 13.28
CA ALA B 105 1.06 -12.62 13.98
C ALA B 105 0.67 -12.69 15.44
N TYR B 106 1.43 -12.00 16.28
CA TYR B 106 1.16 -11.96 17.72
C TYR B 106 1.17 -10.52 18.20
N LEU B 107 0.32 -10.23 19.18
CA LEU B 107 0.30 -8.95 19.87
C LEU B 107 0.35 -9.21 21.36
N GLU B 108 1.36 -8.67 22.03
CA GLU B 108 1.53 -8.83 23.47
C GLU B 108 1.22 -7.48 24.13
N LEU B 109 0.25 -7.48 25.03
CA LEU B 109 -0.12 -6.29 25.78
C LEU B 109 0.09 -6.58 27.26
N ASN B 110 0.99 -5.83 27.89
CA ASN B 110 1.31 -6.02 29.30
C ASN B 110 0.67 -4.92 30.14
N SER B 111 0.53 -5.21 31.43
CA SER B 111 -0.04 -4.26 32.39
C SER B 111 -1.47 -3.88 31.99
N LEU B 112 -2.32 -4.90 31.91
CA LEU B 112 -3.71 -4.68 31.56
C LEU B 112 -4.43 -3.89 32.66
N THR B 113 -5.47 -3.18 32.25
CA THR B 113 -6.27 -2.38 33.16
C THR B 113 -7.74 -2.50 32.78
N SER B 114 -8.60 -1.93 33.62
CA SER B 114 -10.04 -2.05 33.39
C SER B 114 -10.44 -1.43 32.06
N GLU B 115 -9.92 -0.25 31.74
CA GLU B 115 -10.27 0.41 30.48
C GLU B 115 -9.71 -0.31 29.26
N ASP B 116 -8.84 -1.29 29.44
CA ASP B 116 -8.29 -2.04 28.33
C ASP B 116 -9.25 -3.08 27.76
N THR B 117 -10.42 -3.25 28.37
CA THR B 117 -11.41 -4.22 27.91
C THR B 117 -11.95 -3.75 26.57
N ALA B 118 -11.47 -4.33 25.48
CA ALA B 118 -11.87 -3.94 24.14
C ALA B 118 -11.66 -5.12 23.19
N VAL B 119 -12.31 -5.03 22.03
CA VAL B 119 -12.19 -6.06 21.01
C VAL B 119 -11.07 -5.64 20.06
N TYR B 120 -10.11 -6.54 19.85
CA TYR B 120 -8.93 -6.27 19.04
C TYR B 120 -9.08 -6.97 17.70
N TYR B 121 -8.89 -6.22 16.62
CA TYR B 121 -9.11 -6.71 15.25
C TYR B 121 -7.78 -6.69 14.51
N CYS B 122 -7.07 -7.82 14.52
CA CYS B 122 -5.95 -7.99 13.63
C CYS B 122 -6.41 -7.85 12.19
N VAL B 123 -5.71 -7.02 11.41
CA VAL B 123 -6.06 -6.82 10.01
C VAL B 123 -4.80 -6.67 9.18
N ALA B 124 -4.71 -7.47 8.11
CA ALA B 124 -3.61 -7.34 7.16
C ALA B 124 -3.83 -6.12 6.28
N HIS B 125 -2.75 -5.63 5.70
CA HIS B 125 -2.78 -4.49 4.79
C HIS B 125 -2.28 -4.96 3.43
N ILE B 126 -3.21 -5.54 2.65
CA ILE B 126 -2.83 -6.17 1.39
C ILE B 126 -2.72 -5.10 0.31
N VAL B 127 -1.77 -5.29 -0.61
CA VAL B 127 -1.59 -4.34 -1.71
C VAL B 127 -2.02 -4.96 -3.02
N VAL B 128 -3.27 -4.75 -3.39
CA VAL B 128 -3.68 -4.98 -4.77
C VAL B 128 -3.08 -3.86 -5.60
N LEU B 129 -2.98 -4.07 -6.91
CA LEU B 129 -2.40 -3.05 -7.77
C LEU B 129 -3.02 -1.69 -7.48
N ASP B 130 -2.17 -0.73 -7.12
CA ASP B 130 -2.59 0.63 -6.74
C ASP B 130 -3.88 0.61 -5.92
N ARG B 131 -3.94 -0.23 -4.89
CA ARG B 131 -5.12 -0.30 -4.03
C ARG B 131 -4.77 -1.05 -2.75
N TRP B 132 -5.38 -0.62 -1.65
CA TRP B 132 -5.23 -1.28 -0.36
C TRP B 132 -6.47 -2.13 -0.10
N PHE B 133 -6.26 -3.43 0.04
CA PHE B 133 -7.34 -4.37 0.39
C PHE B 133 -7.15 -4.81 1.84
N ASP B 134 -8.22 -4.69 2.63
CA ASP B 134 -8.16 -4.85 4.08
C ASP B 134 -9.10 -5.96 4.54
N PRO B 135 -8.63 -7.21 4.59
CA PRO B 135 -9.43 -8.27 5.21
C PRO B 135 -9.23 -8.29 6.72
N TRP B 136 -10.32 -8.13 7.46
CA TRP B 136 -10.27 -8.10 8.91
C TRP B 136 -10.58 -9.47 9.50
N GLY B 137 -10.20 -9.66 10.76
CA GLY B 137 -10.52 -10.86 11.50
C GLY B 137 -11.77 -10.66 12.35
N GLN B 138 -12.31 -11.79 12.82
CA GLN B 138 -13.53 -11.73 13.62
C GLN B 138 -13.33 -11.00 14.94
N GLY B 139 -12.09 -10.81 15.39
CA GLY B 139 -11.81 -10.07 16.60
C GLY B 139 -11.63 -10.99 17.79
N THR B 140 -11.36 -10.37 18.94
CA THR B 140 -11.16 -11.10 20.18
C THR B 140 -11.52 -10.18 21.33
N LEU B 141 -12.48 -10.60 22.15
CA LEU B 141 -12.94 -9.80 23.27
C LEU B 141 -12.12 -10.18 24.50
N VAL B 142 -11.34 -9.23 25.00
CA VAL B 142 -10.47 -9.43 26.16
C VAL B 142 -11.09 -8.71 27.35
N THR B 143 -11.30 -9.45 28.43
CA THR B 143 -11.96 -8.92 29.62
C THR B 143 -10.94 -8.79 30.75
N VAL B 144 -10.77 -7.56 31.24
CA VAL B 144 -9.90 -7.28 32.37
C VAL B 144 -10.78 -7.01 33.58
N SER B 145 -10.69 -7.89 34.59
CA SER B 145 -11.50 -7.75 35.78
C SER B 145 -10.90 -8.66 36.86
N SER B 146 -11.46 -8.59 38.06
CA SER B 146 -11.00 -9.39 39.19
C SER B 146 -12.11 -10.31 39.66
N ASP C 27 -2.00 16.95 13.38
CA ASP C 27 -2.76 15.68 13.57
C ASP C 27 -4.08 15.74 12.85
N ILE C 28 -4.35 14.73 12.01
CA ILE C 28 -5.57 14.70 11.22
C ILE C 28 -6.72 14.26 12.12
N VAL C 29 -7.81 15.03 12.10
CA VAL C 29 -9.00 14.74 12.89
C VAL C 29 -10.20 14.76 11.96
N MET C 30 -10.95 13.67 11.92
CA MET C 30 -12.13 13.56 11.09
C MET C 30 -13.38 13.79 11.94
N THR C 31 -14.43 14.29 11.29
CA THR C 31 -15.71 14.55 11.95
C THR C 31 -16.82 14.00 11.06
N GLN C 32 -17.45 12.92 11.51
CA GLN C 32 -18.52 12.28 10.75
C GLN C 32 -19.86 12.66 11.37
N SER C 33 -20.78 13.14 10.53
CA SER C 33 -22.10 13.53 10.97
C SER C 33 -23.12 13.05 9.96
N PRO C 34 -24.39 12.87 10.38
CA PRO C 34 -24.87 13.02 11.75
C PRO C 34 -24.47 11.83 12.63
N SER C 35 -24.50 12.03 13.95
CA SER C 35 -24.13 10.94 14.87
C SER C 35 -25.07 9.75 14.71
N SER C 36 -26.37 10.01 14.56
CA SER C 36 -27.34 8.95 14.37
C SER C 36 -28.51 9.50 13.56
N LEU C 37 -29.25 8.58 12.93
CA LEU C 37 -30.38 8.95 12.10
C LEU C 37 -31.22 7.71 11.86
N SER C 38 -32.45 7.95 11.39
CA SER C 38 -33.36 6.88 11.04
C SER C 38 -34.04 7.22 9.72
N ALA C 39 -34.38 6.18 8.95
CA ALA C 39 -35.02 6.37 7.66
C ALA C 39 -35.71 5.09 7.25
N SER C 40 -36.88 5.23 6.64
CA SER C 40 -37.64 4.07 6.19
C SER C 40 -36.90 3.35 5.06
N VAL C 41 -37.21 2.08 4.90
CA VAL C 41 -36.56 1.28 3.87
C VAL C 41 -36.82 1.88 2.50
N GLY C 42 -35.80 1.85 1.65
CA GLY C 42 -35.91 2.34 0.29
C GLY C 42 -35.61 3.81 0.11
N ASP C 43 -35.41 4.56 1.18
CA ASP C 43 -35.11 5.98 1.06
C ASP C 43 -33.62 6.19 0.81
N ARG C 44 -33.29 7.39 0.33
CA ARG C 44 -31.90 7.76 0.08
C ARG C 44 -31.31 8.41 1.34
N VAL C 45 -30.17 7.90 1.78
CA VAL C 45 -29.53 8.34 3.01
C VAL C 45 -28.16 8.90 2.68
N THR C 46 -27.77 9.99 3.35
CA THR C 46 -26.49 10.63 3.13
C THR C 46 -25.81 10.92 4.46
N ILE C 47 -24.51 10.64 4.52
CA ILE C 47 -23.68 10.91 5.70
C ILE C 47 -22.48 11.72 5.25
N THR C 48 -22.22 12.83 5.94
CA THR C 48 -21.11 13.70 5.59
C THR C 48 -19.94 13.44 6.54
N CYS C 49 -18.73 13.67 6.03
CA CYS C 49 -17.51 13.41 6.78
C CYS C 49 -16.50 14.49 6.42
N GLN C 50 -16.16 15.33 7.39
CA GLN C 50 -15.30 16.49 7.17
C GLN C 50 -13.91 16.20 7.73
N ALA C 51 -12.89 16.54 6.95
CA ALA C 51 -11.50 16.35 7.35
C ALA C 51 -10.94 17.65 7.90
N SER C 52 -10.30 17.58 9.07
CA SER C 52 -9.71 18.77 9.66
C SER C 52 -8.61 19.34 8.76
N GLN C 53 -7.80 18.48 8.17
CA GLN C 53 -6.76 18.87 7.23
C GLN C 53 -6.99 18.16 5.91
N ASP C 54 -6.50 18.78 4.83
CA ASP C 54 -6.66 18.20 3.50
C ASP C 54 -5.94 16.87 3.41
N ILE C 55 -6.63 15.85 2.91
CA ILE C 55 -6.06 14.51 2.78
C ILE C 55 -6.27 13.97 1.38
N GLY C 56 -6.45 14.87 0.41
CA GLY C 56 -6.66 14.45 -0.96
C GLY C 56 -7.84 13.52 -1.10
N ASN C 57 -7.57 12.24 -1.36
CA ASN C 57 -8.62 11.24 -1.47
C ASN C 57 -8.25 9.96 -0.71
N PHE C 58 -7.47 10.09 0.36
CA PHE C 58 -7.08 8.95 1.18
C PHE C 58 -8.16 8.66 2.23
N LEU C 59 -9.35 8.30 1.75
CA LEU C 59 -10.48 8.02 2.61
C LEU C 59 -11.18 6.76 2.16
N ASN C 60 -11.68 6.01 3.14
CA ASN C 60 -12.46 4.81 2.91
C ASN C 60 -13.68 4.83 3.82
N TRP C 61 -14.70 4.09 3.40
CA TRP C 61 -15.93 3.94 4.17
C TRP C 61 -16.09 2.48 4.56
N CYS C 62 -16.28 2.24 5.86
CA CYS C 62 -16.38 0.90 6.42
C CYS C 62 -17.73 0.75 7.11
N GLN C 63 -18.21 -0.50 7.16
CA GLN C 63 -19.47 -0.81 7.81
C GLN C 63 -19.27 -1.90 8.88
N GLN C 64 -20.06 -1.80 9.94
CA GLN C 64 -19.98 -2.70 11.09
C GLN C 64 -21.39 -3.19 11.42
N LYS C 65 -21.71 -4.40 10.99
CA LYS C 65 -22.94 -5.00 11.45
C LYS C 65 -22.77 -5.49 12.88
N PRO C 66 -23.85 -5.54 13.67
CA PRO C 66 -23.71 -5.92 15.08
C PRO C 66 -22.97 -7.24 15.27
N GLY C 67 -21.83 -7.19 15.95
CA GLY C 67 -21.03 -8.37 16.25
C GLY C 67 -19.97 -8.70 15.21
N GLN C 68 -20.31 -8.56 13.93
CA GLN C 68 -19.36 -8.89 12.88
C GLN C 68 -18.22 -7.87 12.83
N ALA C 69 -17.11 -8.29 12.24
CA ALA C 69 -15.95 -7.43 12.10
C ALA C 69 -16.18 -6.38 11.02
N PRO C 70 -15.42 -5.28 11.06
CA PRO C 70 -15.60 -4.25 10.02
C PRO C 70 -15.32 -4.80 8.63
N LYS C 71 -16.09 -4.33 7.67
CA LYS C 71 -15.93 -4.68 6.27
C LYS C 71 -15.86 -3.41 5.46
N VAL C 72 -14.70 -3.15 4.84
CA VAL C 72 -14.53 -1.93 4.07
C VAL C 72 -15.49 -1.96 2.89
N LEU C 73 -16.31 -0.93 2.77
CA LEU C 73 -17.32 -0.85 1.72
C LEU C 73 -16.86 -0.03 0.52
N ILE C 74 -16.22 1.11 0.77
CA ILE C 74 -15.76 1.99 -0.30
C ILE C 74 -14.29 2.32 -0.07
N TYR C 75 -13.49 2.24 -1.13
CA TYR C 75 -12.10 2.63 -1.09
C TYR C 75 -11.88 3.81 -2.05
N GLY C 76 -10.97 4.69 -1.66
CA GLY C 76 -10.68 5.86 -2.48
C GLY C 76 -11.75 6.92 -2.46
N ALA C 77 -12.80 6.73 -1.67
CA ALA C 77 -13.86 7.73 -1.51
C ALA C 77 -14.77 7.81 -2.72
N SER C 78 -14.42 7.08 -3.79
CA SER C 78 -15.23 7.10 -5.01
C SER C 78 -15.56 5.70 -5.48
N ASN C 79 -14.62 4.77 -5.32
CA ASN C 79 -14.76 3.44 -5.88
C ASN C 79 -15.39 2.48 -4.88
N LEU C 80 -16.25 1.61 -5.37
CA LEU C 80 -16.94 0.64 -4.53
C LEU C 80 -16.15 -0.65 -4.44
N GLU C 81 -16.09 -1.21 -3.23
CA GLU C 81 -15.33 -2.43 -3.01
C GLU C 81 -15.96 -3.59 -3.78
N THR C 82 -15.11 -4.50 -4.25
CA THR C 82 -15.57 -5.62 -5.06
C THR C 82 -16.63 -6.42 -4.32
N GLY C 83 -17.71 -6.76 -5.02
CA GLY C 83 -18.77 -7.58 -4.48
C GLY C 83 -19.86 -6.82 -3.78
N VAL C 84 -19.68 -5.53 -3.52
CA VAL C 84 -20.71 -4.74 -2.82
C VAL C 84 -21.85 -4.46 -3.78
N PRO C 85 -23.10 -4.37 -3.30
CA PRO C 85 -24.18 -3.94 -4.19
C PRO C 85 -23.95 -2.51 -4.67
N SER C 86 -24.51 -2.22 -5.85
CA SER C 86 -24.32 -0.92 -6.47
C SER C 86 -25.04 0.20 -5.73
N ARG C 87 -25.88 -0.12 -4.74
CA ARG C 87 -26.66 0.90 -4.05
C ARG C 87 -25.74 1.94 -3.40
N PHE C 88 -24.67 1.49 -2.75
CA PHE C 88 -23.77 2.39 -2.06
C PHE C 88 -22.98 3.25 -3.05
N SER C 89 -22.63 4.45 -2.61
CA SER C 89 -21.82 5.35 -3.43
C SER C 89 -21.07 6.30 -2.52
N GLY C 90 -19.96 6.81 -3.03
CA GLY C 90 -19.15 7.77 -2.31
C GLY C 90 -18.67 8.90 -3.20
N SER C 91 -18.70 10.12 -2.69
CA SER C 91 -18.31 11.30 -3.46
C SER C 91 -17.59 12.28 -2.53
N GLY C 92 -17.14 13.39 -3.11
CA GLY C 92 -16.40 14.40 -2.37
C GLY C 92 -14.90 14.20 -2.48
N SER C 93 -14.18 15.18 -1.95
CA SER C 93 -12.72 15.19 -2.09
C SER C 93 -12.16 16.39 -1.34
N GLY C 94 -10.86 16.33 -1.07
CA GLY C 94 -10.16 17.44 -0.47
C GLY C 94 -10.33 17.51 1.03
N THR C 95 -11.48 17.95 1.47
CA THR C 95 -11.77 18.09 2.90
C THR C 95 -13.07 17.43 3.31
N ASP C 96 -14.09 17.45 2.45
CA ASP C 96 -15.40 16.91 2.77
C ASP C 96 -15.73 15.75 1.83
N PHE C 97 -16.37 14.72 2.40
CA PHE C 97 -16.77 13.55 1.65
C PHE C 97 -18.19 13.17 2.04
N THR C 98 -18.87 12.48 1.12
CA THR C 98 -20.27 12.11 1.29
C THR C 98 -20.44 10.64 0.98
N PHE C 99 -21.13 9.92 1.86
CA PHE C 99 -21.45 8.51 1.68
C PHE C 99 -22.96 8.40 1.52
N THR C 100 -23.40 7.81 0.41
CA THR C 100 -24.81 7.83 0.04
C THR C 100 -25.31 6.42 -0.22
N ILE C 101 -26.44 6.08 0.39
CA ILE C 101 -27.18 4.87 0.07
C ILE C 101 -28.39 5.28 -0.76
N SER C 102 -28.43 4.81 -2.00
CA SER C 102 -29.53 5.20 -2.89
C SER C 102 -30.87 4.67 -2.38
N SER C 103 -30.89 3.40 -1.96
CA SER C 103 -32.12 2.77 -1.48
C SER C 103 -31.79 1.92 -0.27
N LEU C 104 -32.39 2.24 0.87
CA LEU C 104 -32.13 1.48 2.09
C LEU C 104 -32.80 0.11 2.01
N GLN C 105 -32.15 -0.87 2.64
CA GLN C 105 -32.65 -2.23 2.69
C GLN C 105 -32.41 -2.79 4.08
N PRO C 106 -33.13 -3.84 4.46
CA PRO C 106 -33.03 -4.33 5.85
C PRO C 106 -31.61 -4.70 6.27
N GLU C 107 -30.82 -5.28 5.37
CA GLU C 107 -29.46 -5.67 5.75
C GLU C 107 -28.56 -4.46 6.00
N ASP C 108 -29.00 -3.26 5.64
CA ASP C 108 -28.17 -2.07 5.81
C ASP C 108 -28.02 -1.65 7.27
N ILE C 109 -28.78 -2.25 8.19
CA ILE C 109 -28.64 -1.92 9.60
C ILE C 109 -27.20 -2.19 10.02
N ALA C 110 -26.48 -1.14 10.39
CA ALA C 110 -25.10 -1.27 10.82
C ALA C 110 -24.58 0.12 11.17
N THR C 111 -23.38 0.16 11.75
CA THR C 111 -22.66 1.40 11.94
C THR C 111 -21.77 1.67 10.74
N TYR C 112 -21.50 2.95 10.49
CA TYR C 112 -20.70 3.34 9.34
C TYR C 112 -19.60 4.30 9.77
N TYR C 113 -18.37 4.01 9.36
CA TYR C 113 -17.19 4.73 9.82
C TYR C 113 -16.40 5.29 8.64
N CYS C 114 -15.93 6.53 8.80
CA CYS C 114 -14.87 7.03 7.96
C CYS C 114 -13.55 6.38 8.34
N GLN C 115 -12.61 6.35 7.40
CA GLN C 115 -11.31 5.74 7.67
C GLN C 115 -10.28 6.44 6.79
N HIS C 116 -9.51 7.34 7.39
CA HIS C 116 -8.39 7.95 6.69
C HIS C 116 -7.12 7.18 6.99
N TYR C 117 -6.30 6.99 5.96
CA TYR C 117 -5.10 6.18 6.05
C TYR C 117 -3.90 6.92 5.50
N ASP C 118 -2.77 6.77 6.17
CA ASP C 118 -1.47 7.21 5.69
C ASP C 118 -0.68 5.99 5.25
N ASN C 119 0.36 6.22 4.43
CA ASN C 119 1.00 5.13 3.71
C ASN C 119 2.18 4.52 4.46
N PHE C 120 3.24 5.29 4.70
CA PHE C 120 4.47 4.69 5.19
C PHE C 120 4.26 4.24 6.64
N PRO C 121 3.96 5.15 7.56
CA PRO C 121 3.37 4.70 8.83
C PRO C 121 1.90 4.40 8.64
N PRO C 122 1.51 3.13 8.56
CA PRO C 122 0.11 2.84 8.22
C PRO C 122 -0.82 3.23 9.36
N ARG C 123 -1.02 4.53 9.46
CA ARG C 123 -1.82 5.19 10.48
C ARG C 123 -3.28 5.19 10.02
N PHE C 124 -4.16 4.65 10.85
CA PHE C 124 -5.60 4.68 10.57
C PHE C 124 -6.28 5.62 11.54
N THR C 125 -7.15 6.46 11.01
CA THR C 125 -7.95 7.38 11.81
C THR C 125 -9.41 7.20 11.45
N PHE C 126 -10.26 7.06 12.46
CA PHE C 126 -11.67 6.77 12.27
C PHE C 126 -12.52 7.89 12.84
N GLY C 127 -13.73 8.02 12.30
CA GLY C 127 -14.69 8.97 12.81
C GLY C 127 -15.48 8.41 13.97
N GLN C 128 -16.45 9.21 14.42
CA GLN C 128 -17.27 8.80 15.55
C GLN C 128 -18.27 7.71 15.20
N GLY C 129 -18.51 7.46 13.92
CA GLY C 129 -19.46 6.46 13.49
C GLY C 129 -20.88 7.00 13.41
N THR C 130 -21.74 6.20 12.78
CA THR C 130 -23.15 6.56 12.63
C THR C 130 -23.96 5.29 12.45
N LYS C 131 -25.08 5.20 13.15
CA LYS C 131 -25.94 4.03 13.11
C LYS C 131 -27.17 4.32 12.26
N LEU C 132 -27.61 3.31 11.51
CA LEU C 132 -28.81 3.40 10.68
C LEU C 132 -29.89 2.52 11.29
N ASP C 133 -31.03 3.13 11.58
CA ASP C 133 -32.17 2.41 12.15
C ASP C 133 -33.42 2.74 11.34
N ILE C 134 -34.05 1.71 10.78
CA ILE C 134 -35.28 1.89 10.04
C ILE C 134 -36.41 2.18 11.03
N LYS C 135 -37.24 3.17 10.71
CA LYS C 135 -38.37 3.51 11.56
C LYS C 135 -39.36 2.35 11.64
C1 NAG D . -2.01 -8.63 -7.13
C2 NAG D . -1.89 -9.36 -8.46
C3 NAG D . -3.23 -9.41 -9.17
C4 NAG D . -4.31 -9.97 -8.25
C5 NAG D . -4.33 -9.19 -6.93
C6 NAG D . -5.30 -9.77 -5.93
C7 NAG D . -0.57 -9.19 -10.52
C8 NAG D . 0.48 -8.42 -11.27
N2 NAG D . -0.89 -8.73 -9.31
O3 NAG D . -3.14 -10.22 -10.33
O4 NAG D . -5.59 -9.88 -8.87
O5 NAG D . -3.03 -9.23 -6.34
O6 NAG D . -5.12 -11.17 -5.77
O7 NAG D . -1.10 -10.18 -11.00
H2 NAG D . -1.61 -10.28 -8.28
H3 NAG D . -3.49 -8.50 -9.43
H4 NAG D . -4.11 -10.91 -8.06
H5 NAG D . -4.57 -8.26 -7.12
H61 NAG D . -6.21 -9.59 -6.23
H62 NAG D . -5.16 -9.33 -5.07
H81 NAG D . 1.37 -8.78 -11.04
H82 NAG D . 0.44 -7.49 -11.00
H83 NAG D . 0.33 -8.50 -12.23
HN2 NAG D . -0.46 -7.99 -9.00
HO3 NAG D . -3.96 -10.39 -10.64
C1 NAG D . -6.17 -11.19 -8.95
C2 NAG D . -7.67 -11.04 -9.14
C3 NAG D . -8.32 -12.40 -9.31
C4 NAG D . -7.65 -13.19 -10.41
C5 NAG D . -6.15 -13.26 -10.16
C6 NAG D . -5.38 -13.95 -11.27
C7 NAG D . -8.71 -9.05 -8.14
C8 NAG D . -9.31 -8.46 -6.90
N2 NAG D . -8.27 -10.31 -8.04
O3 NAG D . -9.70 -12.23 -9.61
O4 NAG D . -8.19 -14.50 -10.49
O5 NAG D . -5.61 -11.94 -10.03
O6 NAG D . -3.99 -13.89 -11.03
O7 NAG D . -8.65 -8.43 -9.20
H2 NAG D . -7.82 -10.54 -9.97
H3 NAG D . -8.24 -12.90 -8.46
H4 NAG D . -7.79 -12.73 -11.26
H5 NAG D . -6.00 -13.75 -9.32
H61 NAG D . -5.59 -13.50 -12.11
H62 NAG D . -5.67 -14.88 -11.32
H81 NAG D . -9.59 -7.55 -7.09
H82 NAG D . -8.63 -8.45 -6.20
H83 NAG D . -10.07 -8.99 -6.62
HN2 NAG D . -8.34 -10.73 -7.23
HO3 NAG D . -9.91 -12.67 -10.35
HO6 NAG D . -3.78 -13.13 -10.64
C1 BMA D . -8.84 -14.64 -11.76
C2 BMA D . -9.01 -16.14 -12.07
C3 BMA D . -9.81 -16.32 -13.36
C4 BMA D . -11.10 -15.51 -13.32
C5 BMA D . -10.79 -14.04 -13.01
C6 BMA D . -12.03 -13.18 -12.90
O2 BMA D . -9.73 -16.79 -11.05
O3 BMA D . -10.09 -17.68 -13.63
O4 BMA D . -11.78 -15.61 -14.56
O5 BMA D . -10.10 -13.98 -11.76
O6 BMA D . -12.40 -13.09 -11.53
H2 BMA D . -8.00 -16.59 -12.18
H3 BMA D . -9.22 -15.96 -14.21
H4 BMA D . -11.73 -15.90 -12.49
H5 BMA D . -10.16 -13.62 -13.81
H61 BMA D . -12.83 -13.63 -13.50
H62 BMA D . -11.80 -12.19 -13.34
HO2 BMA D . -10.16 -17.55 -11.46
HO4 BMA D . -12.68 -15.90 -14.35
C1 MAN D . -9.04 -18.21 -14.48
C2 MAN D . -9.61 -19.45 -15.22
C3 MAN D . -9.75 -20.64 -14.27
C4 MAN D . -8.45 -20.85 -13.48
C5 MAN D . -8.09 -19.57 -12.74
C6 MAN D . -6.82 -19.69 -11.93
O2 MAN D . -8.72 -19.88 -16.25
O3 MAN D . -10.10 -21.82 -14.97
O4 MAN D . -8.63 -21.90 -12.55
O5 MAN D . -7.90 -18.53 -13.71
O6 MAN D . -6.67 -18.49 -11.17
H2 MAN D . -10.59 -19.19 -15.65
H3 MAN D . -10.55 -20.43 -13.56
H4 MAN D . -7.64 -21.09 -14.19
H5 MAN D . -8.91 -19.31 -12.06
H61 MAN D . -5.97 -19.83 -12.63
H62 MAN D . -6.90 -20.57 -11.29
HO2 MAN D . -8.77 -20.85 -16.33
HO3 MAN D . -9.87 -22.55 -14.37
HO4 MAN D . -7.77 -22.37 -12.51
HO6 MAN D . -5.73 -18.43 -10.91
C1 MAN D . -13.69 -12.47 -11.43
C2 MAN D . -13.50 -10.99 -10.99
C3 MAN D . -13.08 -10.91 -9.53
C4 MAN D . -14.02 -11.74 -8.65
C5 MAN D . -14.04 -13.19 -9.15
C6 MAN D . -14.96 -14.08 -8.35
O2 MAN D . -14.71 -10.24 -11.09
O3 MAN D . -13.04 -9.56 -9.05
O4 MAN D . -13.57 -11.72 -7.30
O5 MAN D . -14.51 -13.19 -10.51
O6 MAN D . -14.64 -13.94 -6.97
H2 MAN D . -12.71 -10.54 -11.62
H3 MAN D . -12.07 -11.31 -9.41
H4 MAN D . -15.04 -11.33 -8.73
H5 MAN D . -13.03 -13.60 -9.10
H61 MAN D . -14.84 -15.12 -8.69
H62 MAN D . -16.00 -13.78 -8.56
HO2 MAN D . -14.65 -9.47 -10.51
HO3 MAN D . -13.25 -9.61 -8.11
HO4 MAN D . -12.84 -12.36 -7.26
HO6 MAN D . -14.95 -14.73 -6.51
C1 FUC D . -5.71 -11.57 -4.52
C2 FUC D . -5.93 -13.09 -4.57
C3 FUC D . -4.58 -13.81 -4.63
C4 FUC D . -3.70 -13.39 -3.46
C5 FUC D . -3.58 -11.86 -3.43
C6 FUC D . -2.87 -11.34 -2.19
O2 FUC D . -6.77 -13.48 -5.66
O3 FUC D . -4.78 -15.23 -4.53
O4 FUC D . -4.28 -13.85 -2.24
O5 FUC D . -4.87 -11.22 -3.45
H2 FUC D . -6.44 -13.39 -3.65
H3 FUC D . -4.07 -13.56 -5.58
H4 FUC D . -2.70 -13.81 -3.59
H5 FUC D . -3.03 -11.57 -4.34
H61 FUC D . -2.79 -10.26 -2.22
H62 FUC D . -1.87 -11.78 -2.13
H63 FUC D . -3.42 -11.62 -1.29
HO2 FUC D . -6.82 -12.71 -6.23
HO3 FUC D . -5.07 -15.39 -3.62
HO4 FUC D . -3.69 -14.55 -1.93
#